data_9JRP
#
_entry.id   9JRP
#
_cell.length_a   48.607
_cell.length_b   49.710
_cell.length_c   83.518
_cell.angle_alpha   74.76
_cell.angle_beta   74.97
_cell.angle_gamma   61.89
#
_symmetry.space_group_name_H-M   'P 1'
#
loop_
_entity.id
_entity.type
_entity.pdbx_description
1 polymer 'Aldo-keto reductase family 1 member C3'
2 non-polymer '5-[[3-(3-cyclopropyl-1,2,4-oxadiazol-5-yl)propanoyl-methyl-amino]methyl]-2-methyl-furan-3-carboxylic acid'
3 non-polymer 'NADP NICOTINAMIDE-ADENINE-DINUCLEOTIDE PHOSPHATE'
4 water water
#
_entity_poly.entity_id   1
_entity_poly.type   'polypeptide(L)'
_entity_poly.pdbx_seq_one_letter_code
;MHHHHHHDSKHQCVKLNDGHFMPVLGFGTYAPPEVPRSKALEVTKLAIEAGFRHIDSAHLYNNEEQVGLAIRSKIADGSV
KREDIFYTSKLWSTFHRPELVRPALENSLKKAQLDYVDLYLIHSPMSLKPGEELSPTDENGKVIFDIVDLCTTWEAMEKC
KDAGLAKSIGVSNFNRRQLEMILNKPGLKYKPVCNQVECHPYFNRSKLLDFCKSKDIVLVAYSALGSQRDKRWVDPNSPV
LLEDPVLCALAKKHKRTPALIALRYQLQRGVVVLAKSYNEQRIRQNVQVFEFQLTAEDMKAIDGLDRNLHYFNSDSFASH
PNYPYSDEY
;
_entity_poly.pdbx_strand_id   A,B
#
# COMPACT_ATOMS: atom_id res chain seq x y z
N HIS A 11 -14.21 1.12 -30.30
CA HIS A 11 -15.05 0.50 -29.28
C HIS A 11 -14.78 -1.01 -29.24
N GLN A 12 -15.10 -1.70 -28.14
CA GLN A 12 -14.86 -3.13 -28.06
C GLN A 12 -15.56 -3.76 -26.86
N CYS A 13 -15.57 -5.09 -26.86
CA CYS A 13 -16.29 -5.92 -25.90
C CYS A 13 -15.35 -7.02 -25.45
N VAL A 14 -15.69 -7.63 -24.30
CA VAL A 14 -14.98 -8.79 -23.81
C VAL A 14 -16.01 -9.90 -23.65
N LYS A 15 -15.62 -11.12 -24.02
CA LYS A 15 -16.48 -12.26 -23.83
C LYS A 15 -16.43 -12.70 -22.37
N LEU A 16 -17.60 -12.86 -21.77
CA LEU A 16 -17.71 -13.28 -20.39
C LEU A 16 -17.68 -14.80 -20.32
N ASN A 17 -17.50 -15.33 -19.10
CA ASN A 17 -17.35 -16.78 -18.94
C ASN A 17 -18.65 -17.52 -19.14
N ASP A 18 -19.79 -16.82 -19.31
CA ASP A 18 -21.05 -17.46 -19.64
C ASP A 18 -21.41 -17.33 -21.11
N GLY A 19 -20.50 -16.80 -21.91
CA GLY A 19 -20.74 -16.62 -23.33
C GLY A 19 -21.29 -15.27 -23.75
N HIS A 20 -21.81 -14.47 -22.81
CA HIS A 20 -22.31 -13.16 -23.16
C HIS A 20 -21.15 -12.19 -23.33
N PHE A 21 -21.45 -11.01 -23.87
CA PHE A 21 -20.43 -10.02 -24.15
C PHE A 21 -20.69 -8.74 -23.39
N MET A 22 -19.61 -8.11 -22.92
CA MET A 22 -19.65 -6.89 -22.11
C MET A 22 -18.84 -5.79 -22.77
N PRO A 23 -19.43 -4.62 -23.09
CA PRO A 23 -18.61 -3.50 -23.57
C PRO A 23 -17.54 -3.10 -22.55
N VAL A 24 -16.31 -2.85 -23.04
CA VAL A 24 -15.21 -2.58 -22.13
C VAL A 24 -15.19 -1.19 -21.50
N LEU A 25 -16.01 -0.24 -21.98
CA LEU A 25 -16.17 1.07 -21.37
C LEU A 25 -17.62 1.23 -20.93
N GLY A 26 -17.83 1.52 -19.66
CA GLY A 26 -19.16 1.66 -19.11
C GLY A 26 -19.38 3.03 -18.52
N PHE A 27 -20.66 3.46 -18.54
CA PHE A 27 -21.05 4.74 -18.01
C PHE A 27 -21.49 4.60 -16.56
N GLY A 28 -20.85 5.31 -15.65
CA GLY A 28 -21.22 5.30 -14.26
C GLY A 28 -22.34 6.30 -13.97
N THR A 29 -23.41 5.84 -13.33
CA THR A 29 -24.59 6.69 -13.17
C THR A 29 -24.79 7.23 -11.76
N TYR A 30 -23.98 6.86 -10.77
CA TYR A 30 -24.24 7.38 -9.42
C TYR A 30 -23.98 8.87 -9.35
N ALA A 31 -24.95 9.57 -8.77
CA ALA A 31 -24.76 10.95 -8.35
C ALA A 31 -25.33 11.09 -6.94
N PRO A 32 -24.78 11.99 -6.14
CA PRO A 32 -25.21 12.10 -4.76
C PRO A 32 -26.60 12.69 -4.67
N PRO A 33 -27.27 12.56 -3.52
CA PRO A 33 -28.70 12.87 -3.44
C PRO A 33 -29.05 14.30 -3.72
N GLU A 34 -28.10 15.25 -3.58
CA GLU A 34 -28.32 16.66 -3.90
C GLU A 34 -28.49 16.93 -5.41
N VAL A 35 -28.12 15.97 -6.25
CA VAL A 35 -28.25 16.13 -7.69
C VAL A 35 -29.66 15.69 -8.06
N PRO A 36 -30.41 16.55 -8.71
CA PRO A 36 -31.78 16.22 -9.10
C PRO A 36 -31.82 14.97 -9.96
N ARG A 37 -32.87 14.15 -9.77
CA ARG A 37 -32.99 12.90 -10.51
C ARG A 37 -33.20 13.16 -12.01
N SER A 38 -33.69 14.36 -12.37
CA SER A 38 -33.81 14.68 -13.77
C SER A 38 -32.46 14.67 -14.47
N LYS A 39 -31.39 14.95 -13.73
CA LYS A 39 -30.06 14.93 -14.37
C LYS A 39 -29.65 13.52 -14.81
N ALA A 40 -29.90 12.49 -14.00
CA ALA A 40 -29.57 11.13 -14.43
C ALA A 40 -30.24 10.77 -15.74
N LEU A 41 -31.50 11.21 -15.93
CA LEU A 41 -32.18 10.96 -17.18
C LEU A 41 -31.44 11.65 -18.32
N GLU A 42 -31.13 12.94 -18.14
CA GLU A 42 -30.47 13.68 -19.22
C GLU A 42 -29.10 13.13 -19.57
N VAL A 43 -28.28 12.84 -18.55
CA VAL A 43 -26.90 12.44 -18.85
C VAL A 43 -26.82 11.03 -19.37
N THR A 44 -27.75 10.15 -18.99
CA THR A 44 -27.74 8.82 -19.59
C THR A 44 -28.08 8.87 -21.08
N LYS A 45 -29.01 9.75 -21.47
CA LYS A 45 -29.23 9.98 -22.90
C LYS A 45 -27.98 10.51 -23.58
N LEU A 46 -27.29 11.47 -22.96
CA LEU A 46 -26.05 12.00 -23.53
C LEU A 46 -25.00 10.92 -23.66
N ALA A 47 -24.89 10.05 -22.65
CA ALA A 47 -23.90 8.99 -22.73
C ALA A 47 -24.19 8.05 -23.89
N ILE A 48 -25.46 7.67 -24.05
CA ILE A 48 -25.77 6.81 -25.20
C ILE A 48 -25.49 7.54 -26.50
N GLU A 49 -25.88 8.82 -26.58
CA GLU A 49 -25.60 9.58 -27.79
C GLU A 49 -24.10 9.62 -28.11
N ALA A 50 -23.25 9.69 -27.07
CA ALA A 50 -21.80 9.80 -27.26
C ALA A 50 -21.18 8.48 -27.67
N GLY A 51 -21.87 7.36 -27.41
CA GLY A 51 -21.41 6.06 -27.83
C GLY A 51 -21.30 5.05 -26.71
N PHE A 52 -21.58 5.41 -25.47
CA PHE A 52 -21.62 4.41 -24.42
C PHE A 52 -22.70 3.41 -24.70
N ARG A 53 -22.39 2.12 -24.45
CA ARG A 53 -23.39 1.06 -24.56
C ARG A 53 -23.46 0.20 -23.34
N HIS A 54 -22.64 0.46 -22.36
CA HIS A 54 -22.70 -0.24 -21.07
C HIS A 54 -23.03 0.83 -20.05
N ILE A 55 -24.09 0.60 -19.26
CA ILE A 55 -24.62 1.60 -18.33
C ILE A 55 -24.71 0.91 -16.98
N ASP A 56 -24.09 1.49 -15.96
CA ASP A 56 -23.97 0.87 -14.64
C ASP A 56 -24.86 1.60 -13.66
N SER A 57 -25.89 0.90 -13.16
CA SER A 57 -26.76 1.46 -12.14
C SER A 57 -26.90 0.49 -10.98
N ALA A 58 -27.88 0.74 -10.10
CA ALA A 58 -28.01 -0.08 -8.88
C ALA A 58 -29.26 0.39 -8.13
N HIS A 59 -29.85 -0.50 -7.33
CA HIS A 59 -30.93 -0.06 -6.45
C HIS A 59 -30.48 1.08 -5.54
N LEU A 60 -29.23 1.03 -5.03
CA LEU A 60 -28.73 2.04 -4.09
C LEU A 60 -28.80 3.44 -4.69
N TYR A 61 -28.72 3.57 -6.03
CA TYR A 61 -28.48 4.88 -6.63
C TYR A 61 -29.74 5.71 -6.73
N ASN A 62 -30.93 5.13 -6.45
CA ASN A 62 -32.18 5.89 -6.55
C ASN A 62 -32.29 6.57 -7.92
N ASN A 63 -31.90 5.85 -8.99
CA ASN A 63 -32.00 6.40 -10.32
C ASN A 63 -32.39 5.40 -11.39
N GLU A 64 -32.80 4.17 -11.02
CA GLU A 64 -33.06 3.20 -12.08
C GLU A 64 -34.25 3.60 -12.94
N GLU A 65 -35.23 4.30 -12.36
CA GLU A 65 -36.33 4.77 -13.20
C GLU A 65 -35.82 5.75 -14.27
N GLN A 66 -34.90 6.65 -13.91
CA GLN A 66 -34.45 7.64 -14.89
C GLN A 66 -33.47 7.01 -15.89
N VAL A 67 -32.61 6.09 -15.42
CA VAL A 67 -31.71 5.42 -16.37
C VAL A 67 -32.52 4.57 -17.34
N GLY A 68 -33.55 3.87 -16.84
CA GLY A 68 -34.38 3.09 -17.74
C GLY A 68 -35.17 3.97 -18.70
N LEU A 69 -35.66 5.14 -18.24
CA LEU A 69 -36.36 6.05 -19.15
C LEU A 69 -35.41 6.54 -20.24
N ALA A 70 -34.15 6.79 -19.89
CA ALA A 70 -33.20 7.25 -20.90
C ALA A 70 -32.99 6.16 -21.96
N ILE A 71 -32.80 4.92 -21.50
CA ILE A 71 -32.62 3.82 -22.44
C ILE A 71 -33.83 3.66 -23.35
N ARG A 72 -35.03 3.63 -22.77
CA ARG A 72 -36.26 3.53 -23.57
C ARG A 72 -36.38 4.69 -24.55
N SER A 73 -35.99 5.92 -24.14
CA SER A 73 -36.07 7.06 -25.03
C SER A 73 -35.15 6.87 -26.23
N LYS A 74 -33.93 6.37 -26.01
CA LYS A 74 -33.01 6.19 -27.13
C LYS A 74 -33.36 4.99 -27.98
N ILE A 75 -34.12 4.03 -27.46
CA ILE A 75 -34.69 2.99 -28.31
C ILE A 75 -35.80 3.57 -29.15
N ALA A 76 -36.68 4.34 -28.53
CA ALA A 76 -37.83 4.88 -29.22
C ALA A 76 -37.43 5.87 -30.31
N ASP A 77 -36.31 6.57 -30.16
CA ASP A 77 -35.95 7.51 -31.21
C ASP A 77 -35.10 6.85 -32.29
N GLY A 78 -34.94 5.51 -32.20
CA GLY A 78 -34.23 4.71 -33.16
C GLY A 78 -32.72 4.77 -33.08
N SER A 79 -32.14 5.32 -32.00
CA SER A 79 -30.67 5.41 -31.92
C SER A 79 -30.03 4.06 -31.63
N VAL A 80 -30.68 3.26 -30.78
CA VAL A 80 -30.16 1.94 -30.40
C VAL A 80 -31.33 0.97 -30.32
N LYS A 81 -31.02 -0.31 -30.32
CA LYS A 81 -31.98 -1.33 -29.93
C LYS A 81 -31.65 -1.83 -28.52
N ARG A 82 -32.64 -2.45 -27.87
CA ARG A 82 -32.39 -2.97 -26.51
C ARG A 82 -31.17 -3.89 -26.49
N GLU A 83 -31.01 -4.72 -27.53
CA GLU A 83 -29.88 -5.64 -27.57
C GLU A 83 -28.53 -4.96 -27.71
N ASP A 84 -28.48 -3.67 -28.08
CA ASP A 84 -27.24 -2.93 -28.17
C ASP A 84 -26.79 -2.40 -26.83
N ILE A 85 -27.62 -2.44 -25.81
CA ILE A 85 -27.33 -1.79 -24.52
C ILE A 85 -27.02 -2.87 -23.53
N PHE A 86 -25.94 -2.69 -22.76
CA PHE A 86 -25.59 -3.58 -21.65
C PHE A 86 -25.94 -2.84 -20.36
N TYR A 87 -27.02 -3.25 -19.70
CA TYR A 87 -27.50 -2.57 -18.50
C TYR A 87 -27.20 -3.42 -17.27
N THR A 88 -26.51 -2.83 -16.29
CA THR A 88 -26.19 -3.47 -15.01
C THR A 88 -27.03 -2.90 -13.89
N SER A 89 -27.60 -3.77 -13.07
CA SER A 89 -28.09 -3.33 -11.77
C SER A 89 -27.46 -4.19 -10.69
N LYS A 90 -27.75 -3.83 -9.43
CA LYS A 90 -27.08 -4.47 -8.29
C LYS A 90 -28.10 -4.67 -7.19
N LEU A 91 -27.97 -5.83 -6.53
CA LEU A 91 -28.71 -6.21 -5.35
C LEU A 91 -28.15 -5.51 -4.14
N TRP A 92 -28.95 -4.67 -3.51
CA TRP A 92 -28.50 -3.98 -2.32
C TRP A 92 -28.41 -4.94 -1.12
N SER A 93 -27.58 -4.54 -0.16
CA SER A 93 -27.18 -5.46 0.91
C SER A 93 -28.27 -5.71 1.92
N THR A 94 -29.37 -4.96 1.91
CA THR A 94 -30.54 -5.30 2.71
C THR A 94 -31.36 -6.42 2.10
N PHE A 95 -30.93 -6.95 0.94
CA PHE A 95 -31.70 -7.98 0.22
C PHE A 95 -30.89 -9.23 -0.04
N HIS A 96 -29.89 -9.50 0.83
CA HIS A 96 -29.08 -10.69 0.66
C HIS A 96 -29.79 -11.98 1.02
N ARG A 97 -30.76 -11.93 1.94
CA ARG A 97 -31.44 -13.16 2.30
C ARG A 97 -32.07 -13.76 1.05
N PRO A 98 -31.91 -15.07 0.82
CA PRO A 98 -32.18 -15.60 -0.53
C PRO A 98 -33.59 -15.35 -1.03
N GLU A 99 -34.61 -15.33 -0.15
CA GLU A 99 -35.97 -15.12 -0.61
C GLU A 99 -36.22 -13.66 -1.03
N LEU A 100 -35.29 -12.74 -0.74
CA LEU A 100 -35.45 -11.35 -1.16
C LEU A 100 -34.77 -11.04 -2.49
N VAL A 101 -34.01 -11.97 -3.06
CA VAL A 101 -33.14 -11.65 -4.20
C VAL A 101 -33.98 -11.47 -5.46
N ARG A 102 -34.84 -12.45 -5.79
CA ARG A 102 -35.65 -12.29 -6.99
C ARG A 102 -36.63 -11.13 -6.90
N PRO A 103 -37.35 -10.92 -5.79
CA PRO A 103 -38.19 -9.72 -5.68
C PRO A 103 -37.38 -8.42 -5.82
N ALA A 104 -36.14 -8.36 -5.31
CA ALA A 104 -35.38 -7.12 -5.50
C ALA A 104 -35.07 -6.89 -6.96
N LEU A 105 -34.73 -7.96 -7.70
CA LEU A 105 -34.46 -7.82 -9.13
C LEU A 105 -35.73 -7.43 -9.90
N GLU A 106 -36.85 -8.12 -9.60
CA GLU A 106 -38.10 -7.75 -10.26
C GLU A 106 -38.47 -6.30 -10.00
N ASN A 107 -38.22 -5.79 -8.79
CA ASN A 107 -38.51 -4.40 -8.49
C ASN A 107 -37.62 -3.47 -9.32
N SER A 108 -36.33 -3.78 -9.42
CA SER A 108 -35.46 -2.98 -10.28
C SER A 108 -35.96 -3.02 -11.72
N LEU A 109 -36.33 -4.20 -12.22
CA LEU A 109 -36.86 -4.26 -13.59
C LEU A 109 -38.13 -3.43 -13.75
N LYS A 110 -39.03 -3.44 -12.75
CA LYS A 110 -40.25 -2.64 -12.84
C LYS A 110 -39.94 -1.14 -12.84
N LYS A 111 -38.96 -0.71 -12.03
CA LYS A 111 -38.60 0.71 -12.02
C LYS A 111 -38.01 1.13 -13.35
N ALA A 112 -37.10 0.31 -13.92
CA ALA A 112 -36.41 0.67 -15.15
C ALA A 112 -37.31 0.42 -16.37
N GLN A 113 -38.41 -0.33 -16.18
CA GLN A 113 -39.31 -0.75 -17.25
C GLN A 113 -38.55 -1.53 -18.31
N LEU A 114 -37.74 -2.49 -17.84
CA LEU A 114 -37.01 -3.39 -18.69
C LEU A 114 -37.45 -4.82 -18.41
N ASP A 115 -37.33 -5.67 -19.40
CA ASP A 115 -37.69 -7.06 -19.23
C ASP A 115 -36.57 -7.87 -18.62
N TYR A 116 -35.31 -7.42 -18.77
CA TYR A 116 -34.17 -8.14 -18.20
C TYR A 116 -33.06 -7.13 -18.00
N VAL A 117 -32.14 -7.47 -17.10
CA VAL A 117 -30.85 -6.75 -17.01
C VAL A 117 -29.82 -7.59 -17.70
N ASP A 118 -28.79 -6.94 -18.25
CA ASP A 118 -27.67 -7.66 -18.83
C ASP A 118 -26.79 -8.26 -17.75
N LEU A 119 -26.74 -7.61 -16.60
CA LEU A 119 -25.87 -8.06 -15.53
C LEU A 119 -26.48 -7.69 -14.20
N TYR A 120 -26.53 -8.65 -13.30
CA TYR A 120 -27.00 -8.36 -11.95
C TYR A 120 -25.89 -8.73 -10.99
N LEU A 121 -25.49 -7.79 -10.14
CA LEU A 121 -24.39 -8.03 -9.20
C LEU A 121 -24.86 -8.03 -7.74
N ILE A 122 -24.17 -8.82 -6.92
CA ILE A 122 -24.20 -8.57 -5.48
C ILE A 122 -23.38 -7.33 -5.22
N HIS A 123 -24.03 -6.27 -4.71
CA HIS A 123 -23.33 -4.96 -4.62
C HIS A 123 -22.15 -4.99 -3.63
N SER A 124 -22.28 -5.74 -2.53
CA SER A 124 -21.24 -5.78 -1.49
C SER A 124 -21.39 -7.10 -0.78
N PRO A 125 -20.32 -7.69 -0.29
CA PRO A 125 -20.42 -8.91 0.56
C PRO A 125 -20.90 -8.62 1.95
N MET A 126 -21.00 -7.37 2.38
CA MET A 126 -21.48 -7.07 3.73
C MET A 126 -23.00 -6.99 3.70
N SER A 127 -23.67 -7.71 4.53
CA SER A 127 -25.12 -7.73 4.59
C SER A 127 -25.64 -6.74 5.62
N LEU A 128 -26.81 -6.17 5.33
CA LEU A 128 -27.43 -5.21 6.22
C LEU A 128 -28.81 -5.71 6.61
N LYS A 129 -29.32 -5.20 7.76
CA LYS A 129 -30.64 -5.58 8.27
C LYS A 129 -31.69 -5.48 7.16
N PRO A 130 -32.47 -6.52 6.92
CA PRO A 130 -33.55 -6.41 5.90
C PRO A 130 -34.60 -5.38 6.30
N GLY A 131 -35.15 -4.70 5.30
CA GLY A 131 -36.04 -3.60 5.58
C GLY A 131 -36.12 -2.71 4.36
N GLU A 132 -36.80 -1.57 4.52
CA GLU A 132 -36.93 -0.63 3.42
C GLU A 132 -35.85 0.44 3.42
N GLU A 133 -35.18 0.64 4.55
CA GLU A 133 -34.12 1.64 4.62
C GLU A 133 -32.88 1.12 3.92
N LEU A 134 -32.27 1.98 3.11
CA LEU A 134 -30.98 1.61 2.51
C LEU A 134 -29.90 1.43 3.56
N SER A 135 -29.90 2.30 4.59
CA SER A 135 -28.83 2.38 5.59
C SER A 135 -29.47 2.26 6.97
N PRO A 136 -29.88 1.05 7.37
CA PRO A 136 -30.59 0.88 8.65
C PRO A 136 -29.65 1.14 9.81
N THR A 137 -30.12 1.96 10.78
CA THR A 137 -29.27 2.34 11.91
C THR A 137 -30.01 2.17 13.22
N ASP A 138 -29.23 1.96 14.28
CA ASP A 138 -29.80 1.73 15.60
C ASP A 138 -29.93 3.07 16.33
N GLU A 139 -30.28 3.02 17.63
CA GLU A 139 -30.43 4.23 18.43
C GLU A 139 -29.17 5.08 18.44
N ASN A 140 -28.00 4.45 18.44
CA ASN A 140 -26.74 5.20 18.49
C ASN A 140 -26.23 5.60 17.11
N GLY A 141 -27.05 5.56 16.07
CA GLY A 141 -26.61 5.96 14.75
C GLY A 141 -25.69 4.98 14.03
N LYS A 142 -25.48 3.78 14.58
CA LYS A 142 -24.60 2.80 13.95
C LYS A 142 -25.37 1.92 12.98
N VAL A 143 -24.73 1.60 11.85
CA VAL A 143 -25.36 0.78 10.84
C VAL A 143 -25.60 -0.63 11.40
N ILE A 144 -26.76 -1.19 11.10
CA ILE A 144 -27.12 -2.51 11.61
C ILE A 144 -26.81 -3.55 10.54
N PHE A 145 -25.83 -4.39 10.80
CA PHE A 145 -25.46 -5.42 9.85
C PHE A 145 -26.32 -6.67 10.06
N ASP A 146 -26.27 -7.54 9.07
CA ASP A 146 -26.94 -8.83 9.13
C ASP A 146 -25.90 -9.88 8.80
N ILE A 147 -26.25 -11.15 9.02
CA ILE A 147 -25.36 -12.27 8.75
C ILE A 147 -26.08 -13.21 7.82
N VAL A 148 -25.55 -13.39 6.60
CA VAL A 148 -26.19 -14.20 5.58
C VAL A 148 -25.13 -15.07 4.95
N ASP A 149 -25.50 -16.31 4.63
CA ASP A 149 -24.60 -17.19 3.88
C ASP A 149 -24.67 -16.76 2.42
N LEU A 150 -23.59 -16.14 1.93
CA LEU A 150 -23.61 -15.57 0.57
C LEU A 150 -23.67 -16.65 -0.48
N CYS A 151 -23.35 -17.89 -0.13
CA CYS A 151 -23.56 -18.97 -1.08
C CYS A 151 -25.03 -19.16 -1.36
N THR A 152 -25.91 -18.94 -0.36
CA THR A 152 -27.34 -19.02 -0.59
C THR A 152 -27.80 -17.82 -1.41
N THR A 153 -27.24 -16.65 -1.15
CA THR A 153 -27.55 -15.50 -2.01
C THR A 153 -27.16 -15.81 -3.44
N TRP A 154 -25.98 -16.41 -3.62
CA TRP A 154 -25.53 -16.74 -4.96
C TRP A 154 -26.48 -17.74 -5.64
N GLU A 155 -26.93 -18.77 -4.92
CA GLU A 155 -27.91 -19.70 -5.49
C GLU A 155 -29.16 -18.98 -5.99
N ALA A 156 -29.62 -17.99 -5.24
CA ALA A 156 -30.78 -17.21 -5.66
C ALA A 156 -30.47 -16.37 -6.87
N MET A 157 -29.24 -15.83 -6.97
CA MET A 157 -28.85 -15.14 -8.21
C MET A 157 -28.82 -16.08 -9.42
N GLU A 158 -28.31 -17.31 -9.24
CA GLU A 158 -28.29 -18.28 -10.32
C GLU A 158 -29.71 -18.57 -10.84
N LYS A 159 -30.70 -18.63 -9.94
CA LYS A 159 -32.08 -18.82 -10.37
C LYS A 159 -32.60 -17.65 -11.18
N CYS A 160 -32.13 -16.44 -10.87
CA CYS A 160 -32.52 -15.27 -11.66
C CYS A 160 -31.99 -15.35 -13.08
N LYS A 161 -30.78 -15.86 -13.25
CA LYS A 161 -30.24 -16.10 -14.59
C LYS A 161 -31.02 -17.20 -15.29
N ASP A 162 -31.32 -18.29 -14.58
CA ASP A 162 -32.09 -19.35 -15.25
C ASP A 162 -33.47 -18.87 -15.65
N ALA A 163 -34.05 -17.91 -14.92
CA ALA A 163 -35.35 -17.35 -15.23
C ALA A 163 -35.30 -16.38 -16.40
N GLY A 164 -34.10 -15.99 -16.83
CA GLY A 164 -33.95 -15.01 -17.90
C GLY A 164 -34.05 -13.57 -17.45
N LEU A 165 -34.19 -13.31 -16.16
CA LEU A 165 -34.29 -11.93 -15.65
C LEU A 165 -32.93 -11.22 -15.66
N ALA A 166 -31.82 -11.96 -15.60
CA ALA A 166 -30.48 -11.40 -15.70
C ALA A 166 -29.72 -12.26 -16.70
N LYS A 167 -29.14 -11.66 -17.72
CA LYS A 167 -28.39 -12.44 -18.70
C LYS A 167 -27.14 -13.00 -18.07
N SER A 168 -26.49 -12.21 -17.21
CA SER A 168 -25.28 -12.63 -16.53
C SER A 168 -25.36 -12.18 -15.09
N ILE A 169 -24.61 -12.86 -14.22
CA ILE A 169 -24.59 -12.51 -12.80
C ILE A 169 -23.14 -12.39 -12.37
N GLY A 170 -22.91 -11.49 -11.40
CA GLY A 170 -21.56 -11.33 -10.87
C GLY A 170 -21.59 -10.71 -9.50
N VAL A 171 -20.40 -10.24 -9.07
CA VAL A 171 -20.26 -9.71 -7.70
C VAL A 171 -19.55 -8.36 -7.76
N SER A 172 -19.55 -7.69 -6.62
CA SER A 172 -18.85 -6.43 -6.46
C SER A 172 -18.29 -6.36 -5.05
N ASN A 173 -17.09 -5.75 -4.97
CA ASN A 173 -16.43 -5.51 -3.69
C ASN A 173 -16.02 -6.80 -3.00
N PHE A 174 -15.89 -7.89 -3.74
CA PHE A 174 -15.41 -9.13 -3.14
C PHE A 174 -13.89 -9.13 -3.17
N ASN A 175 -13.29 -9.66 -2.10
CA ASN A 175 -11.86 -9.94 -2.12
C ASN A 175 -11.61 -11.38 -2.61
N ARG A 176 -10.32 -11.78 -2.66
CA ARG A 176 -10.03 -13.12 -3.17
C ARG A 176 -10.74 -14.21 -2.35
N ARG A 177 -10.65 -14.11 -1.00
CA ARG A 177 -11.26 -15.13 -0.15
C ARG A 177 -12.76 -15.25 -0.40
N GLN A 178 -13.43 -14.13 -0.56
CA GLN A 178 -14.87 -14.17 -0.81
C GLN A 178 -15.19 -14.76 -2.19
N LEU A 179 -14.38 -14.45 -3.20
CA LEU A 179 -14.58 -15.08 -4.50
C LEU A 179 -14.38 -16.57 -4.40
N GLU A 180 -13.35 -16.99 -3.65
CA GLU A 180 -13.10 -18.43 -3.51
C GLU A 180 -14.27 -19.15 -2.87
N MET A 181 -14.93 -18.50 -1.89
CA MET A 181 -16.08 -19.13 -1.26
C MET A 181 -17.16 -19.45 -2.30
N ILE A 182 -17.39 -18.54 -3.27
CA ILE A 182 -18.33 -18.84 -4.34
C ILE A 182 -17.78 -19.91 -5.28
N LEU A 183 -16.54 -19.74 -5.71
CA LEU A 183 -16.01 -20.62 -6.75
C LEU A 183 -15.94 -22.03 -6.24
N ASN A 184 -15.80 -22.19 -4.91
CA ASN A 184 -15.65 -23.51 -4.32
C ASN A 184 -16.96 -24.11 -3.82
N LYS A 185 -18.10 -23.42 -4.02
CA LYS A 185 -19.37 -23.90 -3.51
C LYS A 185 -19.76 -25.22 -4.16
N PRO A 186 -20.15 -26.24 -3.40
CA PRO A 186 -20.63 -27.47 -4.05
C PRO A 186 -21.84 -27.18 -4.91
N GLY A 187 -21.89 -27.78 -6.10
CA GLY A 187 -23.07 -27.61 -6.93
C GLY A 187 -23.16 -26.27 -7.62
N LEU A 188 -22.10 -25.45 -7.57
CA LEU A 188 -22.07 -24.18 -8.30
C LEU A 188 -22.44 -24.40 -9.76
N LYS A 189 -23.38 -23.61 -10.24
CA LYS A 189 -23.85 -23.69 -11.63
C LYS A 189 -23.26 -22.59 -12.50
N TYR A 190 -23.20 -21.36 -11.99
CA TYR A 190 -22.62 -20.27 -12.74
C TYR A 190 -21.55 -19.56 -11.91
N LYS A 191 -20.35 -19.46 -12.45
CA LYS A 191 -19.36 -18.60 -11.83
C LYS A 191 -19.79 -17.14 -11.97
N PRO A 192 -19.33 -16.27 -11.09
CA PRO A 192 -19.49 -14.83 -11.38
C PRO A 192 -18.78 -14.45 -12.66
N VAL A 193 -19.43 -13.63 -13.50
CA VAL A 193 -18.73 -13.19 -14.71
C VAL A 193 -17.72 -12.09 -14.42
N CYS A 194 -17.89 -11.38 -13.30
CA CYS A 194 -17.10 -10.21 -13.01
C CYS A 194 -17.07 -9.96 -11.52
N ASN A 195 -16.10 -9.13 -11.15
CA ASN A 195 -16.00 -8.59 -9.81
C ASN A 195 -15.76 -7.11 -10.03
N GLN A 196 -16.74 -6.28 -9.66
CA GLN A 196 -16.61 -4.84 -9.84
C GLN A 196 -16.05 -4.26 -8.55
N VAL A 197 -14.84 -3.65 -8.64
CA VAL A 197 -14.13 -3.23 -7.43
C VAL A 197 -13.47 -1.87 -7.69
N GLU A 198 -13.11 -1.18 -6.60
CA GLU A 198 -12.37 0.08 -6.72
C GLU A 198 -11.02 -0.20 -7.36
N CYS A 199 -10.72 0.51 -8.45
CA CYS A 199 -9.46 0.23 -9.12
C CYS A 199 -9.05 1.47 -9.91
N HIS A 200 -7.83 1.95 -9.66
CA HIS A 200 -7.31 3.16 -10.28
C HIS A 200 -5.81 3.13 -10.02
N PRO A 201 -5.06 4.04 -10.60
CA PRO A 201 -3.60 3.97 -10.40
C PRO A 201 -3.13 4.09 -8.96
N TYR A 202 -3.91 4.66 -8.05
CA TYR A 202 -3.47 4.70 -6.66
C TYR A 202 -3.85 3.45 -5.90
N PHE A 203 -4.63 2.53 -6.50
CA PHE A 203 -5.05 1.26 -5.85
C PHE A 203 -5.31 0.36 -7.04
N ASN A 204 -4.25 -0.22 -7.60
CA ASN A 204 -4.40 -0.83 -8.92
C ASN A 204 -4.92 -2.28 -8.88
N ARG A 205 -4.99 -2.90 -7.70
CA ARG A 205 -5.54 -4.24 -7.55
C ARG A 205 -4.81 -5.30 -8.34
N SER A 206 -3.49 -5.13 -8.53
CA SER A 206 -2.76 -6.08 -9.37
C SER A 206 -2.92 -7.53 -8.90
N LYS A 207 -2.86 -7.79 -7.58
CA LYS A 207 -3.02 -9.16 -7.08
C LYS A 207 -4.42 -9.70 -7.35
N LEU A 208 -5.45 -8.90 -7.08
CA LEU A 208 -6.80 -9.42 -7.34
C LEU A 208 -7.01 -9.57 -8.83
N LEU A 209 -6.42 -8.68 -9.64
CA LEU A 209 -6.55 -8.81 -11.10
C LEU A 209 -5.95 -10.11 -11.61
N ASP A 210 -4.75 -10.45 -11.14
CA ASP A 210 -4.17 -11.74 -11.54
C ASP A 210 -5.01 -12.92 -11.06
N PHE A 211 -5.62 -12.81 -9.87
CA PHE A 211 -6.49 -13.89 -9.42
C PHE A 211 -7.69 -14.03 -10.34
N CYS A 212 -8.36 -12.90 -10.64
CA CYS A 212 -9.54 -12.95 -11.49
C CYS A 212 -9.23 -13.47 -12.90
N LYS A 213 -8.10 -13.07 -13.47
CA LYS A 213 -7.74 -13.56 -14.78
C LYS A 213 -7.58 -15.08 -14.77
N SER A 214 -6.95 -15.62 -13.72
CA SER A 214 -6.79 -17.07 -13.62
C SER A 214 -8.12 -17.82 -13.51
N LYS A 215 -9.20 -17.16 -13.11
CA LYS A 215 -10.49 -17.80 -13.00
C LYS A 215 -11.47 -17.40 -14.10
N ASP A 216 -11.00 -16.66 -15.14
CA ASP A 216 -11.86 -16.11 -16.22
C ASP A 216 -12.98 -15.23 -15.68
N ILE A 217 -12.66 -14.44 -14.66
CA ILE A 217 -13.57 -13.44 -14.09
C ILE A 217 -13.05 -12.08 -14.49
N VAL A 218 -13.92 -11.27 -15.10
CA VAL A 218 -13.50 -9.92 -15.48
C VAL A 218 -13.46 -9.01 -14.25
N LEU A 219 -12.37 -8.25 -14.11
CA LEU A 219 -12.35 -7.20 -13.10
C LEU A 219 -12.93 -5.94 -13.74
N VAL A 220 -13.95 -5.36 -13.10
CA VAL A 220 -14.54 -4.09 -13.56
C VAL A 220 -14.15 -3.00 -12.58
N ALA A 221 -13.48 -1.96 -13.09
CA ALA A 221 -13.00 -0.89 -12.22
C ALA A 221 -14.02 0.22 -12.00
N TYR A 222 -14.29 0.55 -10.74
CA TYR A 222 -14.97 1.77 -10.37
C TYR A 222 -14.02 2.74 -9.67
N SER A 223 -14.47 4.00 -9.58
CA SER A 223 -13.66 5.12 -9.14
C SER A 223 -12.36 5.14 -9.94
N ALA A 224 -12.45 4.76 -11.23
CA ALA A 224 -11.24 4.72 -12.05
C ALA A 224 -10.66 6.10 -12.30
N LEU A 225 -11.43 7.15 -12.07
CA LEU A 225 -10.98 8.53 -12.24
C LEU A 225 -10.69 9.16 -10.89
N GLY A 226 -10.66 8.35 -9.83
CA GLY A 226 -10.30 8.82 -8.52
C GLY A 226 -11.47 9.14 -7.62
N SER A 227 -12.70 8.74 -8.00
CA SER A 227 -13.92 8.94 -7.21
C SER A 227 -14.45 10.35 -7.26
N GLN A 228 -15.70 10.52 -6.84
CA GLN A 228 -16.33 11.82 -6.74
C GLN A 228 -15.90 12.59 -5.50
N ARG A 229 -15.02 11.99 -4.70
CA ARG A 229 -14.55 12.61 -3.47
C ARG A 229 -15.69 13.11 -2.63
N ASP A 230 -16.72 12.25 -2.46
CA ASP A 230 -17.90 12.63 -1.72
C ASP A 230 -17.53 12.97 -0.28
N LYS A 231 -18.01 14.11 0.19
CA LYS A 231 -17.66 14.60 1.51
C LYS A 231 -18.13 13.67 2.62
N ARG A 232 -19.12 12.80 2.35
CA ARG A 232 -19.59 11.90 3.40
C ARG A 232 -18.53 10.87 3.77
N TRP A 233 -17.63 10.54 2.84
CA TRP A 233 -16.71 9.44 3.08
C TRP A 233 -15.25 9.71 2.72
N VAL A 234 -14.94 10.71 1.91
CA VAL A 234 -13.58 10.89 1.44
C VAL A 234 -12.94 12.03 2.21
N ASP A 235 -11.79 11.76 2.83
CA ASP A 235 -11.01 12.81 3.49
C ASP A 235 -10.55 13.79 2.42
N PRO A 236 -10.84 15.08 2.57
CA PRO A 236 -10.39 16.06 1.56
C PRO A 236 -8.89 16.10 1.41
N ASN A 237 -8.15 15.59 2.38
CA ASN A 237 -6.71 15.60 2.30
C ASN A 237 -6.15 14.46 1.48
N SER A 238 -6.98 13.49 1.05
CA SER A 238 -6.42 12.39 0.26
C SER A 238 -5.96 12.94 -1.07
N PRO A 239 -4.94 12.33 -1.67
CA PRO A 239 -4.47 12.75 -2.99
C PRO A 239 -5.59 12.72 -4.03
N VAL A 240 -5.58 13.72 -4.90
CA VAL A 240 -6.48 13.82 -6.06
C VAL A 240 -5.82 13.09 -7.24
N LEU A 241 -6.42 11.98 -7.68
CA LEU A 241 -5.81 11.17 -8.72
C LEU A 241 -5.52 11.97 -9.96
N LEU A 242 -6.49 12.75 -10.43
CA LEU A 242 -6.36 13.43 -11.72
C LEU A 242 -5.37 14.58 -11.66
N GLU A 243 -4.83 14.91 -10.48
CA GLU A 243 -3.74 15.91 -10.38
C GLU A 243 -2.37 15.25 -10.29
N ASP A 244 -2.31 13.93 -10.45
CA ASP A 244 -1.04 13.24 -10.36
C ASP A 244 -0.06 13.71 -11.43
N PRO A 245 1.20 13.99 -11.06
CA PRO A 245 2.16 14.50 -12.06
C PRO A 245 2.52 13.52 -13.17
N VAL A 246 2.50 12.22 -12.87
CA VAL A 246 2.75 11.24 -13.92
C VAL A 246 1.60 11.23 -14.90
N LEU A 247 0.37 11.19 -14.40
CA LEU A 247 -0.77 11.21 -15.31
C LEU A 247 -0.76 12.49 -16.14
N CYS A 248 -0.39 13.61 -15.52
CA CYS A 248 -0.30 14.87 -16.26
C CYS A 248 0.77 14.82 -17.34
N ALA A 249 1.94 14.24 -17.03
CA ALA A 249 3.01 14.20 -18.02
C ALA A 249 2.63 13.30 -19.17
N LEU A 250 1.87 12.25 -18.89
CA LEU A 250 1.53 11.28 -19.91
C LEU A 250 0.43 11.85 -20.80
N ALA A 251 -0.47 12.66 -20.20
CA ALA A 251 -1.49 13.38 -20.96
C ALA A 251 -0.85 14.36 -21.91
N LYS A 252 0.24 14.99 -21.49
CA LYS A 252 0.94 15.91 -22.39
C LYS A 252 1.65 15.17 -23.50
N LYS A 253 2.33 14.06 -23.20
CA LYS A 253 2.96 13.24 -24.24
C LYS A 253 1.95 12.85 -25.30
N HIS A 254 0.72 12.52 -24.91
CA HIS A 254 -0.23 11.96 -25.86
C HIS A 254 -1.24 12.97 -26.37
N LYS A 255 -1.23 14.21 -25.85
CA LYS A 255 -2.22 15.21 -26.22
C LYS A 255 -3.62 14.78 -25.81
N ARG A 256 -3.70 14.24 -24.60
CA ARG A 256 -4.94 13.68 -24.03
C ARG A 256 -5.14 14.42 -22.71
N THR A 257 -5.93 13.83 -21.81
CA THR A 257 -6.17 14.42 -20.50
C THR A 257 -5.85 13.35 -19.45
N PRO A 258 -5.62 13.75 -18.19
CA PRO A 258 -5.28 12.74 -17.16
C PRO A 258 -6.37 11.69 -17.03
N ALA A 259 -7.63 12.11 -17.19
CA ALA A 259 -8.72 11.14 -17.11
C ALA A 259 -8.59 10.10 -18.20
N LEU A 260 -8.30 10.55 -19.43
CA LEU A 260 -8.16 9.60 -20.53
C LEU A 260 -7.00 8.64 -20.30
N ILE A 261 -5.87 9.14 -19.72
CA ILE A 261 -4.74 8.26 -19.38
C ILE A 261 -5.18 7.20 -18.38
N ALA A 262 -5.91 7.63 -17.36
CA ALA A 262 -6.39 6.69 -16.33
C ALA A 262 -7.35 5.63 -16.89
N LEU A 263 -8.24 6.01 -17.81
CA LEU A 263 -9.15 5.03 -18.42
C LEU A 263 -8.38 4.09 -19.33
N ARG A 264 -7.45 4.63 -20.16
CA ARG A 264 -6.74 3.78 -21.12
C ARG A 264 -5.84 2.78 -20.41
N TYR A 265 -5.28 3.17 -19.28
CA TYR A 265 -4.50 2.26 -18.43
C TYR A 265 -5.26 0.98 -18.13
N GLN A 266 -6.53 1.12 -17.68
CA GLN A 266 -7.27 -0.09 -17.37
C GLN A 266 -7.51 -0.94 -18.61
N LEU A 267 -7.88 -0.30 -19.73
CA LEU A 267 -8.16 -1.12 -20.92
C LEU A 267 -6.94 -1.96 -21.31
N GLN A 268 -5.75 -1.38 -21.21
CA GLN A 268 -4.57 -2.11 -21.69
C GLN A 268 -4.13 -3.21 -20.73
N ARG A 269 -4.60 -3.18 -19.49
CA ARG A 269 -4.27 -4.25 -18.55
C ARG A 269 -5.38 -5.30 -18.43
N GLY A 270 -6.41 -5.26 -19.29
CA GLY A 270 -7.42 -6.29 -19.28
C GLY A 270 -8.59 -5.99 -18.35
N VAL A 271 -8.71 -4.75 -17.90
CA VAL A 271 -9.78 -4.36 -16.96
C VAL A 271 -10.88 -3.60 -17.74
N VAL A 272 -12.16 -3.95 -17.46
CA VAL A 272 -13.31 -3.20 -17.99
C VAL A 272 -13.47 -1.99 -17.09
N VAL A 273 -13.68 -0.80 -17.69
CA VAL A 273 -13.57 0.43 -16.90
C VAL A 273 -14.90 1.21 -16.95
N LEU A 274 -15.33 1.67 -15.78
CA LEU A 274 -16.47 2.61 -15.71
C LEU A 274 -15.97 4.04 -15.60
N ALA A 275 -16.79 5.00 -16.05
CA ALA A 275 -16.44 6.40 -15.91
C ALA A 275 -17.76 7.13 -15.65
N LYS A 276 -17.90 7.75 -14.48
CA LYS A 276 -19.05 8.63 -14.25
C LYS A 276 -18.75 10.05 -14.70
N SER A 277 -19.64 10.66 -15.48
CA SER A 277 -19.58 12.10 -15.65
C SER A 277 -20.99 12.59 -15.88
N TYR A 278 -21.33 13.71 -15.24
CA TYR A 278 -22.62 14.37 -15.50
C TYR A 278 -22.42 15.64 -16.33
N ASN A 279 -21.31 15.73 -17.05
CA ASN A 279 -21.02 16.91 -17.89
C ASN A 279 -20.93 16.46 -19.34
N GLU A 280 -21.71 17.09 -20.25
CA GLU A 280 -21.75 16.59 -21.63
C GLU A 280 -20.36 16.54 -22.29
N GLN A 281 -19.54 17.56 -22.13
CA GLN A 281 -18.22 17.50 -22.77
C GLN A 281 -17.31 16.39 -22.21
N ARG A 282 -17.32 16.19 -20.89
CA ARG A 282 -16.48 15.14 -20.32
C ARG A 282 -17.02 13.75 -20.68
N ILE A 283 -18.34 13.59 -20.71
CA ILE A 283 -18.92 12.34 -21.18
C ILE A 283 -18.40 12.01 -22.57
N ARG A 284 -18.46 12.99 -23.48
CA ARG A 284 -18.02 12.78 -24.86
C ARG A 284 -16.50 12.59 -24.93
N GLN A 285 -15.77 13.30 -24.07
CA GLN A 285 -14.33 13.14 -24.00
C GLN A 285 -13.95 11.71 -23.64
N ASN A 286 -14.67 11.09 -22.70
CA ASN A 286 -14.26 9.78 -22.20
C ASN A 286 -14.32 8.70 -23.29
N VAL A 287 -15.24 8.84 -24.27
CA VAL A 287 -15.30 7.87 -25.36
C VAL A 287 -14.03 7.90 -26.22
N GLN A 288 -13.23 8.97 -26.13
CA GLN A 288 -11.96 9.07 -26.87
C GLN A 288 -10.90 8.11 -26.33
N VAL A 289 -11.19 7.34 -25.27
CA VAL A 289 -10.24 6.36 -24.76
C VAL A 289 -9.88 5.34 -25.83
N PHE A 290 -10.73 5.18 -26.85
CA PHE A 290 -10.43 4.22 -27.91
C PHE A 290 -9.49 4.76 -28.99
N GLU A 291 -9.12 6.03 -28.93
CA GLU A 291 -8.44 6.66 -30.04
C GLU A 291 -6.93 6.60 -29.93
N PHE A 292 -6.36 6.17 -28.80
CA PHE A 292 -4.92 6.26 -28.66
C PHE A 292 -4.46 5.09 -27.80
N GLN A 293 -3.15 5.00 -27.67
CA GLN A 293 -2.55 3.87 -27.00
C GLN A 293 -1.41 4.34 -26.11
N LEU A 294 -1.24 3.67 -24.95
CA LEU A 294 -0.11 3.91 -24.08
C LEU A 294 0.98 2.89 -24.43
N THR A 295 2.25 3.31 -24.33
CA THR A 295 3.30 2.33 -24.59
C THR A 295 3.52 1.43 -23.35
N ALA A 296 4.31 0.38 -23.54
CA ALA A 296 4.67 -0.47 -22.40
C ALA A 296 5.39 0.33 -21.33
N GLU A 297 6.22 1.30 -21.73
CA GLU A 297 6.90 2.16 -20.74
C GLU A 297 5.89 3.02 -19.99
N ASP A 298 4.87 3.54 -20.72
CA ASP A 298 3.87 4.37 -20.07
C ASP A 298 3.06 3.55 -19.08
N MET A 299 2.76 2.30 -19.44
CA MET A 299 2.05 1.40 -18.53
C MET A 299 2.85 1.13 -17.27
N LYS A 300 4.17 0.92 -17.41
CA LYS A 300 5.01 0.69 -16.24
C LYS A 300 5.06 1.92 -15.33
N ALA A 301 5.10 3.10 -15.90
CA ALA A 301 5.08 4.31 -15.07
C ALA A 301 3.78 4.43 -14.26
N ILE A 302 2.65 4.19 -14.91
CA ILE A 302 1.37 4.21 -14.18
C ILE A 302 1.33 3.12 -13.11
N ASP A 303 1.80 1.90 -13.43
CA ASP A 303 1.88 0.83 -12.43
C ASP A 303 2.62 1.29 -11.17
N GLY A 304 3.66 2.15 -11.35
CA GLY A 304 4.39 2.67 -10.19
C GLY A 304 3.63 3.63 -9.31
N LEU A 305 2.39 4.01 -9.68
CA LEU A 305 1.65 4.98 -8.87
C LEU A 305 0.91 4.34 -7.67
N ASP A 306 0.86 3.01 -7.60
CA ASP A 306 0.06 2.28 -6.60
C ASP A 306 0.42 2.76 -5.19
N ARG A 307 -0.57 3.07 -4.40
CA ARG A 307 -0.29 3.46 -3.03
C ARG A 307 -1.29 2.91 -2.03
N ASN A 308 -2.02 1.88 -2.43
CA ASN A 308 -3.03 1.26 -1.60
C ASN A 308 -3.99 2.28 -1.02
N LEU A 309 -4.44 3.22 -1.84
CA LEU A 309 -5.29 4.31 -1.37
C LEU A 309 -6.72 3.93 -1.75
N HIS A 310 -7.59 3.77 -0.75
CA HIS A 310 -8.99 3.38 -0.99
C HIS A 310 -9.86 4.60 -0.78
N TYR A 311 -10.48 5.09 -1.85
CA TYR A 311 -11.47 6.14 -1.65
C TYR A 311 -12.75 5.58 -1.01
N PHE A 312 -13.05 4.30 -1.15
CA PHE A 312 -14.24 3.69 -0.54
C PHE A 312 -13.83 2.71 0.55
N ASN A 313 -14.39 2.89 1.75
CA ASN A 313 -14.20 1.96 2.87
C ASN A 313 -15.56 1.77 3.58
N SER A 314 -15.50 1.20 4.80
CA SER A 314 -16.69 0.84 5.57
C SER A 314 -17.63 2.03 5.79
N ASP A 315 -17.09 3.24 5.88
CA ASP A 315 -17.94 4.40 6.10
C ASP A 315 -18.93 4.62 4.98
N SER A 316 -18.70 4.03 3.80
CA SER A 316 -19.55 4.24 2.63
C SER A 316 -20.85 3.45 2.69
N PHE A 317 -21.10 2.66 3.75
CA PHE A 317 -22.42 2.09 3.93
C PHE A 317 -23.40 3.02 4.66
N ALA A 318 -22.91 4.03 5.34
CA ALA A 318 -23.76 4.95 6.07
C ALA A 318 -24.06 6.19 5.21
N SER A 319 -25.07 6.94 5.63
CA SER A 319 -25.45 8.22 5.03
C SER A 319 -26.02 8.09 3.63
N HIS A 320 -26.68 6.97 3.31
CA HIS A 320 -27.51 6.94 2.12
C HIS A 320 -28.95 7.17 2.56
N PRO A 321 -29.54 8.33 2.25
CA PRO A 321 -30.96 8.53 2.59
C PRO A 321 -31.84 7.67 1.72
N HIS B 11 29.34 3.68 -5.54
CA HIS B 11 28.50 2.76 -4.77
C HIS B 11 29.44 1.64 -4.30
N GLN B 12 28.99 0.75 -3.39
CA GLN B 12 29.78 -0.38 -2.88
C GLN B 12 28.93 -1.25 -1.97
N CYS B 13 29.40 -2.49 -1.78
CA CYS B 13 28.78 -3.45 -0.85
C CYS B 13 29.84 -4.15 -0.03
N VAL B 14 29.39 -4.72 1.09
CA VAL B 14 30.27 -5.52 1.93
C VAL B 14 29.72 -6.95 1.94
N LYS B 15 30.63 -7.94 1.90
CA LYS B 15 30.15 -9.33 1.99
C LYS B 15 29.92 -9.69 3.47
N LEU B 16 28.71 -10.17 3.78
CA LEU B 16 28.35 -10.56 5.11
C LEU B 16 28.85 -11.99 5.40
N ASN B 17 28.83 -12.34 6.69
CA ASN B 17 29.42 -13.62 7.11
C ASN B 17 28.60 -14.83 6.66
N ASP B 18 27.41 -14.62 6.11
CA ASP B 18 26.61 -15.69 5.53
C ASP B 18 26.63 -15.71 3.99
N GLY B 19 27.49 -14.88 3.39
CA GLY B 19 27.66 -14.86 1.96
C GLY B 19 26.80 -13.88 1.24
N HIS B 20 25.82 -13.29 1.91
CA HIS B 20 25.03 -12.26 1.24
C HIS B 20 25.80 -10.94 1.23
N PHE B 21 25.32 -9.97 0.44
CA PHE B 21 26.00 -8.68 0.30
C PHE B 21 25.09 -7.56 0.74
N MET B 22 25.68 -6.60 1.46
CA MET B 22 24.93 -5.48 1.99
C MET B 22 25.47 -4.17 1.41
N PRO B 23 24.67 -3.31 0.80
CA PRO B 23 25.19 -1.99 0.37
C PRO B 23 25.66 -1.15 1.55
N VAL B 24 26.78 -0.46 1.37
CA VAL B 24 27.39 0.19 2.52
C VAL B 24 26.77 1.53 2.90
N LEU B 25 25.89 2.08 2.05
CA LEU B 25 25.09 3.26 2.40
C LEU B 25 23.61 2.86 2.42
N GLY B 26 22.96 3.12 3.54
CA GLY B 26 21.55 2.77 3.71
C GLY B 26 20.71 4.00 3.96
N PHE B 27 19.44 3.92 3.59
CA PHE B 27 18.48 5.00 3.79
C PHE B 27 17.69 4.72 5.05
N GLY B 28 17.71 5.68 5.97
CA GLY B 28 16.97 5.55 7.24
C GLY B 28 15.56 6.09 7.04
N THR B 29 14.56 5.28 7.41
CA THR B 29 13.16 5.66 7.15
C THR B 29 12.39 6.17 8.35
N TYR B 30 12.93 6.13 9.57
CA TYR B 30 12.13 6.62 10.71
C TYR B 30 11.82 8.10 10.64
N ALA B 31 10.55 8.43 10.82
CA ALA B 31 10.13 9.80 11.07
C ALA B 31 9.16 9.78 12.25
N PRO B 32 9.16 10.83 13.04
CA PRO B 32 8.27 10.87 14.23
C PRO B 32 6.81 10.85 13.83
N PRO B 33 5.93 10.55 14.80
CA PRO B 33 4.50 10.38 14.48
C PRO B 33 3.80 11.58 13.85
N GLU B 34 4.26 12.82 14.09
CA GLU B 34 3.72 14.03 13.48
C GLU B 34 3.79 13.99 11.96
N VAL B 35 4.76 13.28 11.40
CA VAL B 35 4.96 13.26 9.94
C VAL B 35 3.94 12.32 9.32
N PRO B 36 3.14 12.77 8.35
CA PRO B 36 2.13 11.91 7.72
C PRO B 36 2.79 10.70 7.10
N ARG B 37 2.09 9.56 7.16
CA ARG B 37 2.62 8.30 6.67
C ARG B 37 2.88 8.32 5.18
N SER B 38 2.14 9.14 4.42
CA SER B 38 2.38 9.24 3.00
C SER B 38 3.80 9.69 2.70
N LYS B 39 4.40 10.47 3.59
CA LYS B 39 5.75 10.98 3.31
C LYS B 39 6.76 9.85 3.19
N ALA B 40 6.63 8.78 4.00
CA ALA B 40 7.60 7.68 3.88
C ALA B 40 7.57 7.04 2.51
N LEU B 41 6.39 6.95 1.90
CA LEU B 41 6.33 6.44 0.53
C LEU B 41 7.08 7.37 -0.42
N GLU B 42 6.77 8.67 -0.40
CA GLU B 42 7.42 9.62 -1.29
C GLU B 42 8.94 9.61 -1.12
N VAL B 43 9.41 9.63 0.13
CA VAL B 43 10.86 9.84 0.28
C VAL B 43 11.63 8.54 0.02
N THR B 44 11.02 7.37 0.26
CA THR B 44 11.71 6.15 -0.10
C THR B 44 11.84 6.02 -1.62
N LYS B 45 10.84 6.47 -2.35
CA LYS B 45 10.99 6.48 -3.81
C LYS B 45 12.09 7.43 -4.21
N LEU B 46 12.14 8.62 -3.59
CA LEU B 46 13.21 9.58 -3.92
C LEU B 46 14.57 9.00 -3.60
N ALA B 47 14.68 8.27 -2.48
CA ALA B 47 15.97 7.67 -2.12
C ALA B 47 16.41 6.62 -3.14
N ILE B 48 15.49 5.73 -3.57
CA ILE B 48 15.85 4.76 -4.61
C ILE B 48 16.23 5.47 -5.89
N GLU B 49 15.46 6.50 -6.26
CA GLU B 49 15.79 7.25 -7.46
C GLU B 49 17.18 7.89 -7.37
N ALA B 50 17.57 8.36 -6.17
CA ALA B 50 18.86 9.02 -5.98
C ALA B 50 20.00 8.01 -6.01
N GLY B 51 19.72 6.74 -5.76
CA GLY B 51 20.73 5.74 -5.83
C GLY B 51 20.86 4.85 -4.60
N PHE B 52 20.07 5.12 -3.57
CA PHE B 52 20.13 4.21 -2.43
C PHE B 52 19.59 2.85 -2.83
N ARG B 53 20.26 1.79 -2.34
CA ARG B 53 19.78 0.43 -2.59
C ARG B 53 19.66 -0.37 -1.30
N HIS B 54 19.81 0.27 -0.17
CA HIS B 54 19.66 -0.38 1.15
C HIS B 54 18.70 0.52 1.91
N ILE B 55 17.58 -0.07 2.36
CA ILE B 55 16.48 0.67 2.99
C ILE B 55 16.23 0.09 4.36
N ASP B 56 16.27 0.91 5.38
CA ASP B 56 16.18 0.47 6.77
C ASP B 56 14.81 0.86 7.36
N SER B 57 13.99 -0.13 7.72
CA SER B 57 12.67 0.06 8.37
C SER B 57 12.61 -0.79 9.62
N ALA B 58 11.40 -0.91 10.19
CA ALA B 58 11.22 -1.63 11.45
C ALA B 58 9.73 -1.63 11.74
N HIS B 59 9.27 -2.65 12.46
CA HIS B 59 7.89 -2.60 12.93
C HIS B 59 7.61 -1.33 13.74
N LEU B 60 8.58 -0.91 14.58
CA LEU B 60 8.41 0.27 15.44
C LEU B 60 8.03 1.50 14.62
N TYR B 61 8.50 1.57 13.36
CA TYR B 61 8.40 2.86 12.65
C TYR B 61 7.00 3.11 12.09
N ASN B 62 6.11 2.11 12.14
CA ASN B 62 4.74 2.29 11.62
C ASN B 62 4.79 2.83 10.18
N ASN B 63 5.70 2.28 9.38
CA ASN B 63 5.82 2.72 7.99
C ASN B 63 6.10 1.59 6.99
N GLU B 64 6.06 0.31 7.40
CA GLU B 64 6.42 -0.76 6.49
C GLU B 64 5.51 -0.81 5.29
N GLU B 65 4.23 -0.49 5.45
CA GLU B 65 3.38 -0.50 4.28
C GLU B 65 3.85 0.49 3.26
N GLN B 66 4.22 1.69 3.70
CA GLN B 66 4.62 2.76 2.78
C GLN B 66 6.00 2.49 2.21
N VAL B 67 6.95 2.01 3.02
CA VAL B 67 8.26 1.70 2.46
C VAL B 67 8.15 0.55 1.47
N GLY B 68 7.29 -0.46 1.78
CA GLY B 68 7.11 -1.56 0.83
C GLY B 68 6.48 -1.08 -0.46
N LEU B 69 5.47 -0.19 -0.35
CA LEU B 69 4.89 0.39 -1.58
C LEU B 69 5.92 1.10 -2.42
N ALA B 70 6.90 1.76 -1.75
CA ALA B 70 7.90 2.48 -2.50
C ALA B 70 8.83 1.55 -3.25
N ILE B 71 9.25 0.47 -2.56
CA ILE B 71 10.06 -0.52 -3.26
C ILE B 71 9.28 -1.13 -4.42
N ARG B 72 8.00 -1.50 -4.16
CA ARG B 72 7.22 -2.08 -5.25
C ARG B 72 7.03 -1.10 -6.39
N SER B 73 6.91 0.21 -6.08
CA SER B 73 6.75 1.21 -7.16
C SER B 73 7.95 1.20 -8.09
N LYS B 74 9.16 1.12 -7.51
CA LYS B 74 10.36 1.21 -8.33
C LYS B 74 10.68 -0.08 -9.03
N ILE B 75 10.12 -1.20 -8.56
CA ILE B 75 10.20 -2.40 -9.36
C ILE B 75 9.19 -2.33 -10.50
N ALA B 76 7.96 -1.91 -10.18
CA ALA B 76 6.89 -1.86 -11.18
C ALA B 76 7.25 -0.93 -12.33
N ASP B 77 7.92 0.19 -12.04
CA ASP B 77 8.21 1.14 -13.10
C ASP B 77 9.46 0.77 -13.89
N GLY B 78 10.09 -0.35 -13.57
CA GLY B 78 11.26 -0.84 -14.28
C GLY B 78 12.61 -0.29 -13.82
N SER B 79 12.68 0.46 -12.71
CA SER B 79 13.93 1.11 -12.32
C SER B 79 14.90 0.14 -11.65
N VAL B 80 14.39 -0.77 -10.82
CA VAL B 80 15.22 -1.74 -10.10
C VAL B 80 14.49 -3.07 -10.13
N LYS B 81 15.22 -4.14 -9.82
CA LYS B 81 14.58 -5.42 -9.54
C LYS B 81 14.63 -5.66 -8.05
N ARG B 82 13.81 -6.59 -7.59
CA ARG B 82 13.80 -6.87 -6.16
C ARG B 82 15.17 -7.23 -5.66
N GLU B 83 15.91 -8.01 -6.45
CA GLU B 83 17.24 -8.44 -6.02
C GLU B 83 18.22 -7.29 -5.93
N ASP B 84 17.87 -6.11 -6.48
CA ASP B 84 18.79 -4.97 -6.36
C ASP B 84 18.56 -4.16 -5.08
N ILE B 85 17.52 -4.46 -4.32
CA ILE B 85 17.21 -3.71 -3.11
C ILE B 85 17.55 -4.59 -1.92
N PHE B 86 18.18 -4.00 -0.91
CA PHE B 86 18.46 -4.63 0.37
C PHE B 86 17.51 -3.99 1.37
N TYR B 87 16.49 -4.74 1.79
CA TYR B 87 15.49 -4.22 2.74
C TYR B 87 15.66 -4.86 4.11
N THR B 88 15.70 -4.02 5.12
CA THR B 88 15.81 -4.45 6.52
C THR B 88 14.54 -4.12 7.27
N SER B 89 14.05 -5.09 8.04
CA SER B 89 13.11 -4.77 9.09
C SER B 89 13.63 -5.33 10.41
N LYS B 90 12.90 -5.04 11.48
CA LYS B 90 13.36 -5.37 12.83
C LYS B 90 12.17 -5.87 13.65
N LEU B 91 12.48 -6.87 14.47
CA LEU B 91 11.59 -7.44 15.47
C LEU B 91 11.51 -6.52 16.67
N TRP B 92 10.32 -6.05 16.96
CA TRP B 92 10.18 -5.16 18.11
C TRP B 92 10.25 -5.93 19.42
N SER B 93 10.53 -5.20 20.50
CA SER B 93 10.88 -5.81 21.80
C SER B 93 9.68 -6.47 22.48
N THR B 94 8.46 -6.20 22.04
CA THR B 94 7.28 -6.91 22.56
C THR B 94 7.12 -8.28 21.93
N PHE B 95 7.98 -8.66 21.02
CA PHE B 95 7.86 -9.92 20.26
C PHE B 95 9.12 -10.79 20.46
N HIS B 96 9.87 -10.57 21.55
CA HIS B 96 11.05 -11.41 21.84
C HIS B 96 10.70 -12.87 22.15
N ARG B 97 9.54 -13.14 22.71
CA ARG B 97 9.31 -14.55 23.12
C ARG B 97 9.32 -15.39 21.84
N PRO B 98 9.94 -16.58 21.87
CA PRO B 98 10.30 -17.23 20.59
C PRO B 98 9.11 -17.55 19.73
N GLU B 99 7.95 -17.85 20.31
CA GLU B 99 6.77 -18.16 19.50
C GLU B 99 6.20 -16.96 18.79
N LEU B 100 6.69 -15.75 19.14
CA LEU B 100 6.13 -14.55 18.51
C LEU B 100 7.01 -14.05 17.37
N VAL B 101 8.21 -14.63 17.21
CA VAL B 101 9.16 -14.07 16.25
C VAL B 101 8.71 -14.30 14.81
N ARG B 102 8.44 -15.55 14.43
CA ARG B 102 8.00 -15.78 13.06
C ARG B 102 6.70 -15.06 12.70
N PRO B 103 5.65 -15.06 13.55
CA PRO B 103 4.47 -14.25 13.22
C PRO B 103 4.78 -12.80 13.08
N ALA B 104 5.76 -12.26 13.84
CA ALA B 104 6.09 -10.84 13.68
C ALA B 104 6.73 -10.59 12.32
N LEU B 105 7.59 -11.48 11.89
CA LEU B 105 8.19 -11.30 10.56
C LEU B 105 7.15 -11.49 9.45
N GLU B 106 6.29 -12.52 9.54
CA GLU B 106 5.22 -12.69 8.55
C GLU B 106 4.31 -11.47 8.49
N ASN B 107 4.02 -10.87 9.64
CA ASN B 107 3.20 -9.66 9.63
C ASN B 107 3.94 -8.49 8.94
N SER B 108 5.24 -8.33 9.20
CA SER B 108 5.99 -7.28 8.51
C SER B 108 6.02 -7.51 6.99
N LEU B 109 6.15 -8.77 6.56
CA LEU B 109 6.15 -9.10 5.15
C LEU B 109 4.80 -8.79 4.52
N LYS B 110 3.69 -9.13 5.21
CA LYS B 110 2.35 -8.84 4.68
C LYS B 110 2.14 -7.35 4.55
N LYS B 111 2.62 -6.58 5.53
CA LYS B 111 2.42 -5.13 5.50
C LYS B 111 3.20 -4.52 4.36
N ALA B 112 4.46 -4.97 4.19
CA ALA B 112 5.29 -4.41 3.14
C ALA B 112 4.97 -5.00 1.77
N GLN B 113 4.15 -6.06 1.70
CA GLN B 113 3.87 -6.78 0.45
C GLN B 113 5.15 -7.26 -0.23
N LEU B 114 6.02 -7.86 0.57
CA LEU B 114 7.25 -8.46 0.09
C LEU B 114 7.27 -9.92 0.46
N ASP B 115 7.96 -10.72 -0.34
CA ASP B 115 8.12 -12.15 -0.04
C ASP B 115 9.16 -12.46 1.02
N TYR B 116 10.20 -11.62 1.13
CA TYR B 116 11.28 -11.84 2.09
C TYR B 116 11.88 -10.49 2.41
N VAL B 117 12.53 -10.41 3.57
CA VAL B 117 13.39 -9.26 3.88
C VAL B 117 14.82 -9.70 3.63
N ASP B 118 15.69 -8.74 3.26
CA ASP B 118 17.09 -9.08 3.15
C ASP B 118 17.73 -9.22 4.51
N LEU B 119 17.22 -8.48 5.50
CA LEU B 119 17.84 -8.53 6.83
C LEU B 119 16.74 -8.35 7.87
N TYR B 120 16.74 -9.22 8.87
CA TYR B 120 15.83 -9.04 10.00
C TYR B 120 16.67 -8.95 11.26
N LEU B 121 16.43 -7.87 12.04
CA LEU B 121 17.20 -7.66 13.26
C LEU B 121 16.38 -7.76 14.51
N ILE B 122 16.98 -8.25 15.60
CA ILE B 122 16.44 -7.94 16.93
C ILE B 122 16.69 -6.45 17.18
N HIS B 123 15.62 -5.67 17.37
CA HIS B 123 15.76 -4.20 17.43
C HIS B 123 16.51 -3.76 18.68
N SER B 124 16.37 -4.50 19.80
CA SER B 124 16.98 -4.07 21.04
C SER B 124 17.06 -5.30 21.91
N PRO B 125 18.07 -5.41 22.76
CA PRO B 125 18.15 -6.56 23.70
C PRO B 125 17.18 -6.42 24.88
N MET B 126 16.52 -5.29 25.05
CA MET B 126 15.62 -5.06 26.16
C MET B 126 14.27 -5.60 25.71
N SER B 127 13.68 -6.48 26.47
CA SER B 127 12.39 -7.05 26.13
C SER B 127 11.27 -6.33 26.86
N LEU B 128 10.13 -6.23 26.20
CA LEU B 128 8.94 -5.56 26.72
C LEU B 128 7.77 -6.53 26.83
N LYS B 129 6.80 -6.18 27.69
CA LYS B 129 5.61 -7.02 27.85
C LYS B 129 5.00 -7.37 26.50
N PRO B 130 4.70 -8.64 26.23
CA PRO B 130 4.04 -8.98 24.94
C PRO B 130 2.64 -8.40 24.85
N GLY B 131 2.24 -8.00 23.64
CA GLY B 131 0.92 -7.43 23.44
C GLY B 131 0.84 -6.53 22.23
N GLU B 132 -0.27 -5.79 22.17
CA GLU B 132 -0.59 -4.94 21.04
C GLU B 132 0.20 -3.63 21.06
N GLU B 133 0.47 -3.10 22.26
CA GLU B 133 1.08 -1.79 22.42
C GLU B 133 2.57 -1.87 22.15
N LEU B 134 3.09 -0.88 21.42
CA LEU B 134 4.53 -0.77 21.24
C LEU B 134 5.24 -0.42 22.53
N SER B 135 4.61 0.41 23.38
CA SER B 135 5.24 0.88 24.62
C SER B 135 4.26 0.56 25.74
N PRO B 136 4.19 -0.71 26.18
CA PRO B 136 3.25 -1.08 27.26
C PRO B 136 3.63 -0.38 28.56
N THR B 137 2.63 0.25 29.18
CA THR B 137 2.84 1.11 30.33
C THR B 137 1.87 0.74 31.44
N ASP B 138 2.34 0.72 32.68
CA ASP B 138 1.51 0.27 33.79
C ASP B 138 0.71 1.44 34.40
N GLU B 139 0.01 1.14 35.47
CA GLU B 139 -0.84 2.08 36.22
C GLU B 139 -0.05 3.25 36.78
N ASN B 140 1.26 3.12 36.96
CA ASN B 140 2.09 4.19 37.48
C ASN B 140 2.86 4.93 36.41
N GLY B 141 2.57 4.66 35.13
CA GLY B 141 3.21 5.35 34.06
C GLY B 141 4.52 4.75 33.63
N LYS B 142 4.91 3.59 34.19
CA LYS B 142 6.22 2.99 33.94
C LYS B 142 6.13 1.98 32.80
N VAL B 143 7.19 1.93 31.99
CA VAL B 143 7.27 0.94 30.92
C VAL B 143 7.36 -0.46 31.53
N ILE B 144 6.63 -1.41 30.95
CA ILE B 144 6.58 -2.77 31.47
C ILE B 144 7.58 -3.63 30.70
N PHE B 145 8.61 -4.05 31.41
CA PHE B 145 9.65 -4.85 30.80
C PHE B 145 9.28 -6.33 30.91
N ASP B 146 9.93 -7.12 30.07
CA ASP B 146 9.76 -8.60 30.10
C ASP B 146 11.17 -9.17 30.26
N ILE B 147 11.24 -10.45 30.62
CA ILE B 147 12.51 -11.15 30.75
C ILE B 147 12.47 -12.31 29.78
N VAL B 148 13.41 -12.35 28.85
CA VAL B 148 13.39 -13.36 27.80
C VAL B 148 14.81 -13.78 27.57
N ASP B 149 15.03 -15.09 27.43
CA ASP B 149 16.37 -15.60 27.10
C ASP B 149 16.58 -15.26 25.61
N LEU B 150 17.47 -14.33 25.35
CA LEU B 150 17.64 -13.90 23.95
C LEU B 150 18.27 -14.98 23.09
N CYS B 151 18.95 -15.96 23.69
CA CYS B 151 19.39 -17.07 22.86
C CYS B 151 18.22 -17.81 22.25
N THR B 152 17.05 -17.89 22.95
CA THR B 152 15.87 -18.52 22.37
C THR B 152 15.24 -17.64 21.29
N THR B 153 15.20 -16.31 21.52
CA THR B 153 14.82 -15.40 20.44
C THR B 153 15.71 -15.63 19.23
N TRP B 154 17.03 -15.75 19.45
CA TRP B 154 17.93 -15.95 18.32
C TRP B 154 17.63 -17.25 17.60
N GLU B 155 17.36 -18.33 18.34
CA GLU B 155 17.03 -19.58 17.66
C GLU B 155 15.80 -19.42 16.76
N ALA B 156 14.80 -18.64 17.19
CA ALA B 156 13.63 -18.41 16.36
C ALA B 156 14.00 -17.56 15.13
N MET B 157 14.91 -16.60 15.30
CA MET B 157 15.37 -15.80 14.15
C MET B 157 16.09 -16.71 13.14
N GLU B 158 16.89 -17.65 13.65
CA GLU B 158 17.58 -18.60 12.76
C GLU B 158 16.59 -19.39 11.93
N LYS B 159 15.46 -19.80 12.52
CA LYS B 159 14.46 -20.50 11.74
C LYS B 159 13.84 -19.63 10.66
N CYS B 160 13.80 -18.31 10.86
CA CYS B 160 13.31 -17.40 9.82
C CYS B 160 14.25 -17.41 8.61
N LYS B 161 15.56 -17.45 8.88
CA LYS B 161 16.51 -17.56 7.80
C LYS B 161 16.43 -18.93 7.16
N ASP B 162 16.26 -20.00 7.97
CA ASP B 162 16.19 -21.34 7.37
C ASP B 162 15.05 -21.41 6.36
N ALA B 163 13.93 -20.78 6.68
CA ALA B 163 12.71 -20.79 5.87
C ALA B 163 12.77 -19.83 4.69
N GLY B 164 13.82 -19.02 4.61
CA GLY B 164 13.96 -18.08 3.50
C GLY B 164 13.19 -16.80 3.64
N LEU B 165 12.55 -16.55 4.78
CA LEU B 165 11.82 -15.32 4.99
C LEU B 165 12.74 -14.13 5.24
N ALA B 166 13.91 -14.39 5.80
CA ALA B 166 14.96 -13.37 5.97
C ALA B 166 16.18 -13.96 5.30
N LYS B 167 16.82 -13.20 4.40
CA LYS B 167 18.05 -13.72 3.82
C LYS B 167 19.19 -13.73 4.81
N SER B 168 19.26 -12.71 5.66
CA SER B 168 20.25 -12.62 6.73
C SER B 168 19.57 -12.12 8.01
N ILE B 169 20.19 -12.45 9.13
CA ILE B 169 19.66 -12.03 10.43
C ILE B 169 20.77 -11.37 11.23
N GLY B 170 20.41 -10.41 12.05
CA GLY B 170 21.39 -9.74 12.91
C GLY B 170 20.73 -9.12 14.11
N VAL B 171 21.48 -8.21 14.75
CA VAL B 171 21.02 -7.61 16.00
C VAL B 171 21.23 -6.10 15.93
N SER B 172 20.69 -5.43 16.94
CA SER B 172 20.79 -3.99 17.05
C SER B 172 20.83 -3.64 18.52
N ASN B 173 21.70 -2.66 18.85
CA ASN B 173 21.81 -2.11 20.20
C ASN B 173 22.40 -3.12 21.17
N PHE B 174 23.14 -4.09 20.66
CA PHE B 174 23.80 -5.05 21.54
C PHE B 174 25.17 -4.50 21.93
N ASN B 175 25.58 -4.78 23.17
CA ASN B 175 26.95 -4.48 23.59
C ASN B 175 27.77 -5.74 23.39
N ARG B 176 29.07 -5.68 23.72
CA ARG B 176 29.92 -6.85 23.48
C ARG B 176 29.47 -8.08 24.30
N ARG B 177 29.06 -7.89 25.52
CA ARG B 177 28.65 -9.01 26.33
C ARG B 177 27.38 -9.68 25.78
N GLN B 178 26.45 -8.86 25.33
CA GLN B 178 25.23 -9.43 24.73
C GLN B 178 25.52 -10.16 23.41
N LEU B 179 26.44 -9.62 22.58
CA LEU B 179 26.84 -10.37 21.38
C LEU B 179 27.47 -11.69 21.78
N GLU B 180 28.33 -11.69 22.82
CA GLU B 180 29.00 -12.94 23.22
C GLU B 180 28.02 -13.98 23.67
N MET B 181 26.92 -13.55 24.28
CA MET B 181 25.86 -14.48 24.65
C MET B 181 25.36 -15.27 23.44
N ILE B 182 25.09 -14.59 22.32
CA ILE B 182 24.68 -15.30 21.13
C ILE B 182 25.83 -16.10 20.53
N LEU B 183 27.00 -15.49 20.40
CA LEU B 183 28.09 -16.12 19.66
C LEU B 183 28.59 -17.39 20.36
N ASN B 184 28.46 -17.45 21.66
CA ASN B 184 28.83 -18.63 22.45
C ASN B 184 27.70 -19.63 22.64
N LYS B 185 26.52 -19.41 22.08
CA LYS B 185 25.38 -20.30 22.30
C LYS B 185 25.66 -21.70 21.73
N PRO B 186 25.48 -22.78 22.52
CA PRO B 186 25.57 -24.12 21.94
C PRO B 186 24.62 -24.31 20.78
N GLY B 187 25.13 -24.95 19.72
CA GLY B 187 24.28 -25.26 18.59
C GLY B 187 24.03 -24.11 17.65
N LEU B 188 24.76 -23.02 17.81
CA LEU B 188 24.51 -21.85 16.96
C LEU B 188 24.56 -22.25 15.49
N LYS B 189 23.60 -21.78 14.71
CA LYS B 189 23.53 -22.06 13.28
C LYS B 189 24.07 -20.89 12.47
N TYR B 190 23.71 -19.67 12.86
CA TYR B 190 24.14 -18.48 12.14
C TYR B 190 24.58 -17.42 13.13
N LYS B 191 25.78 -16.86 12.89
CA LYS B 191 26.15 -15.65 13.64
C LYS B 191 25.28 -14.49 13.17
N PRO B 192 25.07 -13.47 14.01
CA PRO B 192 24.52 -12.22 13.46
C PRO B 192 25.43 -11.69 12.38
N VAL B 193 24.82 -11.22 11.29
CA VAL B 193 25.65 -10.61 10.27
C VAL B 193 26.06 -9.19 10.62
N CYS B 194 25.34 -8.53 11.52
CA CYS B 194 25.60 -7.15 11.85
C CYS B 194 25.12 -6.85 13.26
N ASN B 195 25.61 -5.74 13.78
CA ASN B 195 25.10 -5.10 15.00
C ASN B 195 24.88 -3.64 14.61
N GLN B 196 23.63 -3.26 14.54
CA GLN B 196 23.23 -1.90 14.21
C GLN B 196 23.18 -1.06 15.49
N VAL B 197 24.08 -0.05 15.61
CA VAL B 197 24.21 0.67 16.87
C VAL B 197 24.39 2.16 16.59
N GLU B 198 24.16 2.97 17.63
CA GLU B 198 24.41 4.42 17.54
C GLU B 198 25.91 4.63 17.33
N CYS B 199 26.26 5.36 16.27
CA CYS B 199 27.70 5.52 15.96
C CYS B 199 27.87 6.78 15.14
N HIS B 200 28.75 7.68 15.63
CA HIS B 200 28.96 8.99 15.02
C HIS B 200 30.22 9.56 15.66
N PRO B 201 30.74 10.70 15.20
CA PRO B 201 32.01 11.17 15.77
C PRO B 201 31.96 11.51 17.25
N TYR B 202 30.77 11.73 17.84
CA TYR B 202 30.80 12.00 19.29
C TYR B 202 30.69 10.72 20.09
N PHE B 203 30.49 9.58 19.44
CA PHE B 203 30.33 8.29 20.12
C PHE B 203 30.71 7.28 19.06
N ASN B 204 32.00 7.10 18.82
CA ASN B 204 32.42 6.41 17.60
C ASN B 204 32.52 4.89 17.74
N ARG B 205 32.32 4.37 18.95
CA ARG B 205 32.23 2.91 19.15
C ARG B 205 33.51 2.17 18.75
N SER B 206 34.69 2.79 18.90
CA SER B 206 35.89 2.13 18.37
C SER B 206 36.13 0.76 18.99
N LYS B 207 35.86 0.59 20.31
CA LYS B 207 36.13 -0.72 20.91
C LYS B 207 35.13 -1.77 20.38
N LEU B 208 33.83 -1.40 20.28
CA LEU B 208 32.86 -2.36 19.79
C LEU B 208 33.09 -2.65 18.33
N LEU B 209 33.56 -1.65 17.57
CA LEU B 209 33.85 -1.87 16.17
C LEU B 209 34.97 -2.89 16.02
N ASP B 210 36.05 -2.72 16.81
CA ASP B 210 37.12 -3.71 16.76
C ASP B 210 36.64 -5.11 17.15
N PHE B 211 35.81 -5.21 18.19
CA PHE B 211 35.26 -6.53 18.55
C PHE B 211 34.49 -7.13 17.39
N CYS B 212 33.61 -6.32 16.77
CA CYS B 212 32.83 -6.83 15.65
C CYS B 212 33.70 -7.28 14.49
N LYS B 213 34.77 -6.53 14.17
CA LYS B 213 35.64 -6.94 13.08
C LYS B 213 36.31 -8.27 13.41
N SER B 214 36.60 -8.48 14.68
CA SER B 214 37.27 -9.72 15.09
C SER B 214 36.37 -10.94 14.95
N LYS B 215 35.05 -10.75 14.89
CA LYS B 215 34.06 -11.83 14.78
C LYS B 215 33.45 -11.91 13.38
N ASP B 216 33.89 -11.07 12.42
CA ASP B 216 33.27 -11.03 11.08
C ASP B 216 31.81 -10.54 11.18
N ILE B 217 31.56 -9.54 12.03
CA ILE B 217 30.23 -8.94 12.20
C ILE B 217 30.35 -7.49 11.75
N VAL B 218 29.46 -7.05 10.86
CA VAL B 218 29.52 -5.66 10.37
C VAL B 218 28.86 -4.76 11.40
N LEU B 219 29.51 -3.65 11.72
CA LEU B 219 28.85 -2.63 12.51
C LEU B 219 28.10 -1.69 11.56
N VAL B 220 26.80 -1.48 11.84
CA VAL B 220 25.99 -0.57 11.03
C VAL B 220 25.68 0.63 11.92
N ALA B 221 26.04 1.84 11.43
CA ALA B 221 25.86 3.04 12.25
C ALA B 221 24.50 3.69 12.02
N TYR B 222 23.78 3.93 13.09
CA TYR B 222 22.63 4.83 13.07
C TYR B 222 22.93 6.10 13.85
N SER B 223 22.11 7.15 13.62
CA SER B 223 22.37 8.47 14.13
C SER B 223 23.75 8.92 13.73
N ALA B 224 24.16 8.49 12.52
CA ALA B 224 25.48 8.89 12.00
C ALA B 224 25.58 10.38 11.66
N LEU B 225 24.42 11.04 11.52
CA LEU B 225 24.39 12.48 11.29
C LEU B 225 24.03 13.22 12.57
N GLY B 226 24.08 12.53 13.69
CA GLY B 226 23.83 13.20 14.96
C GLY B 226 22.41 13.10 15.45
N SER B 227 21.61 12.23 14.85
CA SER B 227 20.22 12.01 15.23
C SER B 227 19.28 13.13 14.82
N GLN B 228 17.96 12.83 14.88
CA GLN B 228 16.91 13.80 14.59
C GLN B 228 16.69 14.74 15.77
N ARG B 229 17.38 14.50 16.87
CA ARG B 229 17.25 15.38 18.04
C ARG B 229 15.80 15.45 18.49
N ASP B 230 15.15 14.29 18.51
CA ASP B 230 13.73 14.26 18.81
C ASP B 230 13.54 14.81 20.23
N LYS B 231 12.60 15.74 20.35
CA LYS B 231 12.40 16.48 21.60
C LYS B 231 11.84 15.58 22.70
N ARG B 232 11.37 14.38 22.38
CA ARG B 232 10.92 13.43 23.41
C ARG B 232 12.08 12.84 24.22
N TRP B 233 13.27 12.79 23.64
CA TRP B 233 14.39 12.09 24.27
C TRP B 233 15.69 12.86 24.23
N VAL B 234 15.83 13.90 23.40
CA VAL B 234 17.11 14.57 23.25
C VAL B 234 17.04 15.95 23.87
N ASP B 235 17.96 16.22 24.80
CA ASP B 235 18.09 17.52 25.44
C ASP B 235 18.50 18.53 24.37
N PRO B 236 17.76 19.62 24.19
CA PRO B 236 18.10 20.56 23.11
C PRO B 236 19.45 21.23 23.29
N ASN B 237 20.03 21.19 24.51
CA ASN B 237 21.36 21.78 24.69
C ASN B 237 22.47 20.80 24.41
N SER B 238 22.14 19.56 24.08
CA SER B 238 23.17 18.60 23.75
C SER B 238 23.92 19.06 22.50
N PRO B 239 25.19 18.70 22.39
CA PRO B 239 25.99 19.13 21.24
C PRO B 239 25.33 18.76 19.92
N VAL B 240 25.39 19.69 18.95
CA VAL B 240 24.79 19.49 17.62
C VAL B 240 25.88 19.00 16.67
N LEU B 241 25.83 17.72 16.26
CA LEU B 241 26.94 17.14 15.54
C LEU B 241 27.22 17.88 14.22
N LEU B 242 26.18 18.17 13.45
CA LEU B 242 26.39 18.73 12.10
C LEU B 242 26.92 20.16 12.17
N GLU B 243 26.97 20.77 13.36
CA GLU B 243 27.58 22.10 13.52
C GLU B 243 28.98 22.03 14.11
N ASP B 244 29.54 20.84 14.25
CA ASP B 244 30.82 20.72 14.90
C ASP B 244 31.90 21.49 14.13
N PRO B 245 32.72 22.29 14.82
CA PRO B 245 33.75 23.07 14.11
C PRO B 245 34.73 22.26 13.30
N VAL B 246 35.09 21.07 13.76
CA VAL B 246 36.02 20.21 13.02
C VAL B 246 35.38 19.69 11.74
N LEU B 247 34.12 19.22 11.83
CA LEU B 247 33.41 18.80 10.62
C LEU B 247 33.23 19.94 9.66
N CYS B 248 32.97 21.15 10.19
CA CYS B 248 32.84 22.32 9.35
C CYS B 248 34.15 22.61 8.62
N ALA B 249 35.26 22.58 9.34
CA ALA B 249 36.57 22.82 8.71
C ALA B 249 36.86 21.79 7.62
N LEU B 250 36.53 20.49 7.88
CA LEU B 250 36.78 19.46 6.87
C LEU B 250 35.86 19.65 5.67
N ALA B 251 34.61 20.06 5.93
CA ALA B 251 33.69 20.29 4.82
C ALA B 251 34.22 21.40 3.91
N LYS B 252 34.77 22.48 4.49
CA LYS B 252 35.35 23.55 3.68
C LYS B 252 36.54 23.03 2.88
N LYS B 253 37.41 22.27 3.54
CA LYS B 253 38.59 21.68 2.92
C LYS B 253 38.28 20.84 1.70
N HIS B 254 37.24 19.99 1.78
CA HIS B 254 36.88 19.12 0.68
C HIS B 254 35.79 19.67 -0.22
N LYS B 255 35.26 20.84 0.09
CA LYS B 255 34.13 21.38 -0.68
C LYS B 255 32.94 20.40 -0.64
N ARG B 256 32.66 19.90 0.57
CA ARG B 256 31.54 19.00 0.83
C ARG B 256 30.70 19.67 1.94
N THR B 257 29.95 18.91 2.69
CA THR B 257 29.15 19.42 3.80
C THR B 257 29.51 18.61 5.02
N PRO B 258 29.17 19.10 6.22
CA PRO B 258 29.47 18.31 7.42
C PRO B 258 28.80 16.95 7.41
N ALA B 259 27.56 16.84 6.91
CA ALA B 259 26.91 15.52 6.82
C ALA B 259 27.73 14.58 5.95
N LEU B 260 28.22 15.06 4.78
CA LEU B 260 29.02 14.19 3.92
C LEU B 260 30.30 13.76 4.60
N ILE B 261 30.92 14.67 5.38
CA ILE B 261 32.12 14.28 6.12
C ILE B 261 31.81 13.18 7.12
N ALA B 262 30.69 13.31 7.85
CA ALA B 262 30.35 12.31 8.87
C ALA B 262 30.04 10.96 8.26
N LEU B 263 29.38 10.94 7.08
CA LEU B 263 29.11 9.65 6.45
C LEU B 263 30.41 9.02 5.91
N ARG B 264 31.27 9.83 5.26
CA ARG B 264 32.50 9.27 4.69
C ARG B 264 33.41 8.73 5.79
N TYR B 265 33.42 9.39 6.95
CA TYR B 265 34.17 8.89 8.08
C TYR B 265 33.84 7.44 8.36
N GLN B 266 32.52 7.12 8.40
CA GLN B 266 32.17 5.73 8.71
C GLN B 266 32.63 4.79 7.61
N LEU B 267 32.43 5.14 6.35
CA LEU B 267 32.81 4.23 5.28
C LEU B 267 34.28 3.90 5.35
N GLN B 268 35.12 4.89 5.68
CA GLN B 268 36.57 4.60 5.67
C GLN B 268 37.05 3.81 6.87
N ARG B 269 36.25 3.68 7.90
CA ARG B 269 36.63 2.84 9.01
C ARG B 269 35.94 1.48 8.95
N GLY B 270 35.31 1.14 7.84
CA GLY B 270 34.72 -0.17 7.66
C GLY B 270 33.31 -0.30 8.21
N VAL B 271 32.66 0.79 8.48
CA VAL B 271 31.30 0.81 9.05
C VAL B 271 30.29 1.06 7.92
N VAL B 272 29.19 0.30 7.92
CA VAL B 272 28.08 0.53 7.00
C VAL B 272 27.22 1.61 7.64
N VAL B 273 26.81 2.62 6.87
CA VAL B 273 26.26 3.83 7.48
C VAL B 273 24.87 4.09 6.96
N LEU B 274 23.94 4.33 7.88
CA LEU B 274 22.62 4.80 7.49
C LEU B 274 22.55 6.32 7.53
N ALA B 275 21.62 6.88 6.74
CA ALA B 275 21.37 8.32 6.75
C ALA B 275 19.90 8.52 6.52
N LYS B 276 19.21 9.13 7.50
CA LYS B 276 17.80 9.49 7.30
C LYS B 276 17.72 10.90 6.74
N SER B 277 16.90 11.08 5.69
CA SER B 277 16.48 12.42 5.30
C SER B 277 15.11 12.34 4.64
N TYR B 278 14.21 13.27 5.00
CA TYR B 278 12.93 13.38 4.31
C TYR B 278 12.91 14.62 3.43
N ASN B 279 14.10 15.09 3.03
CA ASN B 279 14.22 16.26 2.14
C ASN B 279 14.88 15.81 0.83
N GLU B 280 14.23 16.11 -0.29
CA GLU B 280 14.76 15.59 -1.58
C GLU B 280 16.19 16.00 -1.82
N GLN B 281 16.53 17.25 -1.56
CA GLN B 281 17.86 17.69 -1.88
C GLN B 281 18.90 17.02 -0.98
N ARG B 282 18.60 16.87 0.31
CA ARG B 282 19.56 16.23 1.20
C ARG B 282 19.66 14.72 0.93
N ILE B 283 18.56 14.06 0.58
CA ILE B 283 18.63 12.66 0.16
C ILE B 283 19.61 12.50 -1.00
N ARG B 284 19.51 13.40 -1.97
CA ARG B 284 20.37 13.31 -3.15
C ARG B 284 21.81 13.68 -2.81
N GLN B 285 22.03 14.65 -1.93
CA GLN B 285 23.38 14.99 -1.48
C GLN B 285 24.06 13.80 -0.84
N ASN B 286 23.31 13.00 -0.07
CA ASN B 286 23.99 11.99 0.73
C ASN B 286 24.66 10.92 -0.12
N VAL B 287 24.16 10.70 -1.33
CA VAL B 287 24.79 9.71 -2.17
C VAL B 287 26.12 10.21 -2.69
N GLN B 288 26.40 11.51 -2.59
CA GLN B 288 27.72 12.01 -2.97
C GLN B 288 28.85 11.56 -2.02
N VAL B 289 28.56 10.78 -0.98
CA VAL B 289 29.63 10.28 -0.10
C VAL B 289 30.60 9.41 -0.87
N PHE B 290 30.18 8.83 -2.00
CA PHE B 290 31.14 8.02 -2.78
C PHE B 290 32.07 8.83 -3.65
N GLU B 291 31.92 10.16 -3.70
CA GLU B 291 32.68 10.99 -4.65
C GLU B 291 34.00 11.50 -4.13
N PHE B 292 34.34 11.27 -2.87
CA PHE B 292 35.56 11.88 -2.32
C PHE B 292 36.11 10.98 -1.21
N GLN B 293 37.31 11.34 -0.75
CA GLN B 293 38.01 10.60 0.29
C GLN B 293 38.63 11.56 1.29
N LEU B 294 38.57 11.16 2.55
CA LEU B 294 39.21 11.84 3.66
C LEU B 294 40.63 11.32 3.81
N THR B 295 41.54 12.21 4.19
CA THR B 295 42.90 11.72 4.37
C THR B 295 43.05 11.07 5.72
N ALA B 296 44.21 10.42 5.93
CA ALA B 296 44.45 9.80 7.22
C ALA B 296 44.46 10.84 8.34
N GLU B 297 45.02 12.03 8.08
CA GLU B 297 45.01 13.07 9.11
C GLU B 297 43.59 13.56 9.40
N ASP B 298 42.76 13.67 8.36
CA ASP B 298 41.34 14.02 8.53
C ASP B 298 40.65 13.01 9.43
N MET B 299 40.89 11.73 9.16
CA MET B 299 40.29 10.66 9.94
C MET B 299 40.70 10.74 11.42
N LYS B 300 42.01 11.04 11.68
CA LYS B 300 42.41 11.20 13.08
C LYS B 300 41.76 12.41 13.75
N ALA B 301 41.57 13.52 13.01
CA ALA B 301 40.92 14.68 13.57
C ALA B 301 39.48 14.33 13.97
N ILE B 302 38.77 13.57 13.12
CA ILE B 302 37.39 13.18 13.46
C ILE B 302 37.38 12.19 14.62
N ASP B 303 38.35 11.26 14.67
CA ASP B 303 38.50 10.37 15.82
C ASP B 303 38.64 11.16 17.13
N GLY B 304 39.31 12.31 17.07
CA GLY B 304 39.46 13.11 18.28
C GLY B 304 38.20 13.73 18.81
N LEU B 305 37.04 13.62 18.10
CA LEU B 305 35.82 14.23 18.60
C LEU B 305 35.08 13.36 19.59
N ASP B 306 35.51 12.10 19.74
CA ASP B 306 34.78 11.11 20.53
C ASP B 306 34.64 11.63 21.97
N ARG B 307 33.39 11.67 22.46
CA ARG B 307 33.10 12.18 23.80
C ARG B 307 32.05 11.38 24.55
N ASN B 308 31.80 10.14 24.13
CA ASN B 308 30.83 9.26 24.77
C ASN B 308 29.48 9.94 24.93
N LEU B 309 29.01 10.60 23.85
CA LEU B 309 27.72 11.29 23.88
C LEU B 309 26.70 10.40 23.19
N HIS B 310 25.66 10.00 23.94
CA HIS B 310 24.62 9.12 23.43
C HIS B 310 23.34 9.93 23.21
N TYR B 311 22.90 10.05 21.95
CA TYR B 311 21.60 10.67 21.70
C TYR B 311 20.47 9.73 22.06
N PHE B 312 20.70 8.42 22.04
CA PHE B 312 19.68 7.44 22.40
C PHE B 312 20.03 6.78 23.73
N ASN B 313 19.11 6.89 24.68
CA ASN B 313 19.26 6.27 26.00
C ASN B 313 17.93 5.66 26.41
N SER B 314 17.80 5.43 27.72
CA SER B 314 16.65 4.75 28.31
C SER B 314 15.31 5.35 27.89
N ASP B 315 15.22 6.69 27.84
CA ASP B 315 13.95 7.33 27.57
C ASP B 315 13.44 7.11 26.15
N SER B 316 14.22 6.49 25.27
CA SER B 316 13.77 6.27 23.91
C SER B 316 12.94 4.99 23.72
N PHE B 317 12.78 4.15 24.78
CA PHE B 317 11.81 3.04 24.74
C PHE B 317 10.37 3.47 25.00
N ALA B 318 10.16 4.69 25.47
CA ALA B 318 8.83 5.20 25.78
C ALA B 318 8.41 6.25 24.76
N SER B 319 7.12 6.56 24.78
CA SER B 319 6.52 7.60 23.94
C SER B 319 6.42 7.18 22.47
N HIS B 320 6.29 5.88 22.18
CA HIS B 320 5.92 5.44 20.85
C HIS B 320 4.44 5.14 20.81
N PRO B 321 3.62 5.99 20.19
CA PRO B 321 2.18 5.69 20.14
C PRO B 321 1.95 4.49 19.24
N ASN B 322 1.02 3.64 19.66
CA ASN B 322 0.75 2.40 18.93
C ASN B 322 -0.67 2.42 18.35
#